data_2ZBO
#
_entry.id   2ZBO
#
_cell.length_a   84.578
_cell.length_b   84.578
_cell.length_c   232.911
_cell.angle_alpha   90.00
_cell.angle_beta   90.00
_cell.angle_gamma   90.00
#
_symmetry.space_group_name_H-M   'P 41 21 2'
#
loop_
_entity.id
_entity.type
_entity.pdbx_description
1 polymer 'Cytochrome c6'
2 non-polymer 'HEME C'
3 non-polymer 'SULFATE ION'
4 water water
#
_entity_poly.entity_id   1
_entity_poly.type   'polypeptide(L)'
_entity_poly.pdbx_seq_one_letter_code
;ADINHGENVFTANCSACHAGGNNVIMPEKTLQKDALSTNQMNSVGAITYQVTNGKNAMPAFGGRLSDDDIEDVASFVLSQ
SEKSWN
;
_entity_poly.pdbx_strand_id   A,C,E,G,I,K
#
loop_
_chem_comp.id
_chem_comp.type
_chem_comp.name
_chem_comp.formula
HEC non-polymer 'HEME C' 'C34 H34 Fe N4 O4'
SO4 non-polymer 'SULFATE ION' 'O4 S -2'
#
# COMPACT_ATOMS: atom_id res chain seq x y z
N ALA A 1 -12.42 4.71 27.10
CA ALA A 1 -11.88 4.09 25.86
C ALA A 1 -10.39 3.83 25.99
N ASP A 2 -9.86 2.94 25.14
CA ASP A 2 -8.45 2.58 25.12
C ASP A 2 -7.81 3.28 23.91
N ILE A 3 -7.19 4.42 24.17
CA ILE A 3 -6.59 5.28 23.12
C ILE A 3 -5.40 4.60 22.44
N ASN A 4 -4.60 3.87 23.21
CA ASN A 4 -3.46 3.12 22.66
C ASN A 4 -3.92 2.06 21.66
N HIS A 5 -4.99 1.35 22.02
CA HIS A 5 -5.54 0.38 21.09
C HIS A 5 -6.15 1.08 19.87
N GLY A 6 -6.85 2.19 20.11
CA GLY A 6 -7.42 3.00 19.02
C GLY A 6 -6.35 3.44 18.04
N GLU A 7 -5.16 3.81 18.54
CA GLU A 7 -4.03 4.15 17.69
C GLU A 7 -3.67 2.99 16.77
N ASN A 8 -3.61 1.78 17.33
CA ASN A 8 -3.32 0.57 16.53
C ASN A 8 -4.41 0.24 15.49
N VAL A 9 -5.68 0.39 15.89
CA VAL A 9 -6.82 0.24 14.96
C VAL A 9 -6.66 1.26 13.82
N PHE A 10 -6.26 2.48 14.15
CA PHE A 10 -6.06 3.52 13.13
C PHE A 10 -4.96 3.12 12.13
N THR A 11 -3.81 2.67 12.63
CA THR A 11 -2.71 2.19 11.76
C THR A 11 -3.18 1.10 10.81
N ALA A 12 -3.90 0.13 11.37
CA ALA A 12 -4.35 -1.04 10.60
C ALA A 12 -5.43 -0.74 9.55
N ASN A 13 -6.27 0.27 9.78
CA ASN A 13 -7.50 0.48 8.99
C ASN A 13 -7.70 1.85 8.34
N CYS A 14 -7.02 2.88 8.87
CA CYS A 14 -7.36 4.25 8.51
C CYS A 14 -6.20 5.04 7.93
N SER A 15 -4.98 4.64 8.27
CA SER A 15 -3.80 5.40 7.87
C SER A 15 -3.64 5.49 6.35
N ALA A 16 -4.09 4.48 5.62
CA ALA A 16 -4.01 4.49 4.16
C ALA A 16 -4.62 5.76 3.58
N CYS A 17 -5.73 6.23 4.15
CA CYS A 17 -6.40 7.43 3.65
C CYS A 17 -6.25 8.65 4.55
N HIS A 18 -5.92 8.44 5.81
CA HIS A 18 -5.98 9.55 6.80
C HIS A 18 -4.68 9.78 7.58
N ALA A 19 -3.55 9.24 7.12
CA ALA A 19 -2.26 9.45 7.82
C ALA A 19 -2.04 10.95 8.03
N GLY A 20 -1.60 11.31 9.25
CA GLY A 20 -1.37 12.71 9.59
C GLY A 20 -2.62 13.55 9.79
N GLY A 21 -3.79 12.90 9.79
CA GLY A 21 -5.05 13.64 9.94
C GLY A 21 -5.60 14.22 8.64
N ASN A 22 -4.97 13.90 7.51
CA ASN A 22 -5.42 14.43 6.23
C ASN A 22 -6.43 13.49 5.60
N ASN A 23 -6.79 13.73 4.33
CA ASN A 23 -7.74 12.87 3.66
C ASN A 23 -7.33 12.78 2.21
N VAL A 24 -6.87 11.60 1.80
CA VAL A 24 -6.33 11.41 0.45
C VAL A 24 -7.35 11.54 -0.67
N ILE A 25 -8.59 11.16 -0.41
CA ILE A 25 -9.63 11.13 -1.46
C ILE A 25 -10.47 12.41 -1.52
N MET A 26 -10.76 12.98 -0.36
CA MET A 26 -11.48 14.26 -0.26
C MET A 26 -10.68 15.18 0.65
N PRO A 27 -9.67 15.86 0.09
CA PRO A 27 -8.70 16.60 0.90
C PRO A 27 -9.30 17.59 1.92
N GLU A 28 -10.45 18.19 1.64
CA GLU A 28 -11.03 19.16 2.59
C GLU A 28 -11.58 18.51 3.85
N LYS A 29 -11.90 17.21 3.77
CA LYS A 29 -12.55 16.53 4.88
C LYS A 29 -11.50 15.89 5.79
N THR A 30 -10.69 16.73 6.44
CA THR A 30 -9.60 16.26 7.28
C THR A 30 -10.12 15.79 8.65
N LEU A 31 -9.20 15.29 9.47
CA LEU A 31 -9.52 14.88 10.82
C LEU A 31 -9.10 15.97 11.80
N GLN A 32 -8.99 17.19 11.31
CA GLN A 32 -8.69 18.34 12.19
C GLN A 32 -9.97 18.94 12.75
N LYS A 33 -9.89 19.64 13.89
CA LYS A 33 -11.09 20.12 14.58
C LYS A 33 -12.01 20.98 13.72
N ASP A 34 -11.43 21.87 12.93
CA ASP A 34 -12.22 22.77 12.09
C ASP A 34 -13.06 22.03 11.06
N ALA A 35 -12.45 21.08 10.35
CA ALA A 35 -13.18 20.30 9.35
C ALA A 35 -14.19 19.37 10.02
N LEU A 36 -13.80 18.73 11.11
CA LEU A 36 -14.74 17.84 11.81
C LEU A 36 -15.98 18.63 12.24
N SER A 37 -15.76 19.78 12.86
CA SER A 37 -16.89 20.61 13.33
C SER A 37 -17.81 21.05 12.21
N THR A 38 -17.22 21.50 11.09
CA THR A 38 -17.99 21.93 9.94
C THR A 38 -18.90 20.83 9.45
N ASN A 39 -18.43 19.59 9.56
CA ASN A 39 -19.17 18.45 9.05
C ASN A 39 -20.01 17.71 10.09
N GLN A 40 -20.23 18.32 11.26
CA GLN A 40 -20.95 17.64 12.37
C GLN A 40 -20.31 16.30 12.72
N MET A 41 -18.97 16.25 12.64
CA MET A 41 -18.21 15.03 12.90
C MET A 41 -17.33 15.14 14.15
N ASN A 42 -17.41 16.26 14.86
CA ASN A 42 -16.55 16.47 16.03
C ASN A 42 -17.20 15.88 17.29
N SER A 43 -17.38 14.56 17.26
CA SER A 43 -17.96 13.82 18.40
C SER A 43 -17.70 12.32 18.26
N VAL A 44 -17.60 11.64 19.39
CA VAL A 44 -17.40 10.19 19.36
C VAL A 44 -18.55 9.50 18.64
N GLY A 45 -19.79 9.95 18.91
CA GLY A 45 -20.97 9.35 18.28
C GLY A 45 -21.00 9.51 16.78
N ALA A 46 -20.65 10.70 16.28
CA ALA A 46 -20.65 10.91 14.83
C ALA A 46 -19.55 10.09 14.18
N ILE A 47 -18.39 10.03 14.82
CA ILE A 47 -17.29 9.28 14.23
C ILE A 47 -17.61 7.77 14.24
N THR A 48 -18.15 7.27 15.35
CA THR A 48 -18.51 5.85 15.44
C THR A 48 -19.52 5.46 14.36
N TYR A 49 -20.52 6.32 14.13
CA TYR A 49 -21.53 6.05 13.11
C TYR A 49 -20.91 5.93 11.71
N GLN A 50 -20.04 6.89 11.37
CA GLN A 50 -19.44 6.94 10.03
C GLN A 50 -18.47 5.79 9.82
N VAL A 51 -17.69 5.45 10.85
CA VAL A 51 -16.80 4.30 10.78
C VAL A 51 -17.59 3.01 10.59
N THR A 52 -18.70 2.88 11.33
CA THR A 52 -19.51 1.67 11.27
C THR A 52 -20.18 1.51 9.91
N ASN A 53 -20.76 2.60 9.42
CA ASN A 53 -21.66 2.56 8.26
C ASN A 53 -21.08 3.03 6.95
N GLY A 54 -19.90 3.66 7.01
CA GLY A 54 -19.35 4.31 5.84
C GLY A 54 -20.05 5.62 5.52
N LYS A 55 -19.49 6.37 4.57
CA LYS A 55 -20.09 7.61 4.10
C LYS A 55 -19.50 7.98 2.76
N ASN A 56 -20.36 8.14 1.74
CA ASN A 56 -19.90 8.50 0.40
C ASN A 56 -18.75 7.58 -0.02
N ALA A 57 -17.58 8.12 -0.37
CA ALA A 57 -16.47 7.24 -0.78
C ALA A 57 -15.65 6.62 0.37
N MET A 58 -16.02 6.91 1.62
CA MET A 58 -15.39 6.20 2.73
C MET A 58 -16.11 4.87 2.97
N PRO A 59 -15.37 3.75 2.92
CA PRO A 59 -16.03 2.45 3.15
C PRO A 59 -16.50 2.24 4.58
N ALA A 60 -17.35 1.23 4.77
CA ALA A 60 -17.84 0.85 6.10
C ALA A 60 -16.92 -0.16 6.78
N PHE A 61 -16.85 -0.09 8.12
CA PHE A 61 -15.98 -0.94 8.92
C PHE A 61 -16.74 -1.80 9.95
N GLY A 62 -18.06 -1.69 9.97
CA GLY A 62 -18.91 -2.45 10.92
C GLY A 62 -18.67 -3.95 10.90
N GLY A 63 -18.43 -4.50 9.71
CA GLY A 63 -18.18 -5.94 9.61
C GLY A 63 -16.76 -6.39 9.96
N ARG A 64 -15.85 -5.42 10.00
CA ARG A 64 -14.41 -5.64 10.10
C ARG A 64 -13.90 -5.40 11.53
N LEU A 65 -14.55 -4.46 12.22
CA LEU A 65 -14.09 -4.01 13.53
C LEU A 65 -15.18 -4.23 14.57
N SER A 66 -14.77 -4.54 15.80
CA SER A 66 -15.72 -4.72 16.89
C SER A 66 -16.23 -3.36 17.36
N ASP A 67 -17.33 -3.34 18.10
CA ASP A 67 -17.84 -2.09 18.68
C ASP A 67 -16.79 -1.39 19.53
N ASP A 68 -16.04 -2.16 20.31
CA ASP A 68 -14.97 -1.61 21.15
C ASP A 68 -13.86 -1.01 20.30
N ASP A 69 -13.46 -1.73 19.25
CA ASP A 69 -12.47 -1.22 18.28
C ASP A 69 -12.88 0.16 17.75
N ILE A 70 -14.15 0.30 17.43
CA ILE A 70 -14.66 1.51 16.79
C ILE A 70 -14.72 2.66 17.81
N GLU A 71 -15.20 2.36 19.02
CA GLU A 71 -15.18 3.35 20.10
C GLU A 71 -13.75 3.85 20.32
N ASP A 72 -12.80 2.92 20.39
CA ASP A 72 -11.39 3.25 20.64
C ASP A 72 -10.78 4.09 19.51
N VAL A 73 -11.04 3.70 18.26
CA VAL A 73 -10.48 4.48 17.16
C VAL A 73 -11.09 5.89 17.07
N ALA A 74 -12.37 6.01 17.35
CA ALA A 74 -13.04 7.32 17.38
C ALA A 74 -12.44 8.21 18.46
N SER A 75 -12.16 7.62 19.62
CA SER A 75 -11.55 8.36 20.73
C SER A 75 -10.11 8.78 20.42
N PHE A 76 -9.37 7.90 19.75
CA PHE A 76 -8.05 8.23 19.24
C PHE A 76 -8.09 9.42 18.26
N VAL A 77 -9.01 9.38 17.30
CA VAL A 77 -9.16 10.48 16.33
C VAL A 77 -9.36 11.82 17.04
N LEU A 78 -10.25 11.85 18.03
CA LEU A 78 -10.55 13.11 18.75
C LEU A 78 -9.36 13.56 19.59
N SER A 79 -8.65 12.61 20.19
CA SER A 79 -7.43 12.90 20.94
C SER A 79 -6.35 13.54 20.06
N GLN A 80 -6.16 12.98 18.87
CA GLN A 80 -5.19 13.53 17.93
C GLN A 80 -5.64 14.90 17.41
N SER A 81 -6.94 15.05 17.16
CA SER A 81 -7.50 16.30 16.65
C SER A 81 -7.19 17.42 17.65
N GLU A 82 -7.26 17.09 18.94
CA GLU A 82 -6.98 18.06 20.00
C GLU A 82 -5.53 18.58 19.96
N LYS A 83 -4.62 17.74 19.49
CA LYS A 83 -3.20 18.10 19.35
C LYS A 83 -2.82 18.46 17.91
N SER A 84 -3.81 18.72 17.06
CA SER A 84 -3.58 19.03 15.64
C SER A 84 -2.77 17.98 14.89
N TRP A 85 -2.85 16.72 15.35
CA TRP A 85 -2.11 15.58 14.77
C TRP A 85 -0.58 15.74 14.80
N ASN A 86 -0.09 16.60 15.70
CA ASN A 86 1.35 16.77 15.89
C ASN A 86 1.97 15.59 16.61
N ALA B 1 -26.53 5.72 -13.21
CA ALA B 1 -25.54 5.62 -12.09
C ALA B 1 -24.67 6.86 -12.06
N ASP B 2 -23.83 6.96 -11.02
CA ASP B 2 -22.96 8.11 -10.83
C ASP B 2 -21.52 7.68 -11.09
N ILE B 3 -21.03 7.88 -12.32
CA ILE B 3 -19.68 7.42 -12.72
C ILE B 3 -18.56 8.16 -11.94
N ASN B 4 -18.76 9.45 -11.66
CA ASN B 4 -17.79 10.19 -10.88
C ASN B 4 -17.59 9.58 -9.50
N HIS B 5 -18.69 9.29 -8.82
CA HIS B 5 -18.62 8.60 -7.54
C HIS B 5 -18.01 7.20 -7.71
N GLY B 6 -18.42 6.49 -8.77
CA GLY B 6 -17.84 5.17 -9.06
C GLY B 6 -16.32 5.20 -9.17
N GLU B 7 -15.80 6.25 -9.80
CA GLU B 7 -14.35 6.45 -9.93
C GLU B 7 -13.69 6.52 -8.54
N ASN B 8 -14.32 7.26 -7.63
CA ASN B 8 -13.80 7.38 -6.27
C ASN B 8 -13.89 6.10 -5.47
N VAL B 9 -14.98 5.36 -5.66
CA VAL B 9 -15.11 4.03 -5.07
C VAL B 9 -13.98 3.13 -5.58
N PHE B 10 -13.69 3.23 -6.87
CA PHE B 10 -12.62 2.42 -7.46
C PHE B 10 -11.25 2.76 -6.84
N THR B 11 -10.96 4.06 -6.70
CA THR B 11 -9.68 4.48 -6.07
C THR B 11 -9.56 3.89 -4.66
N ALA B 12 -10.66 3.98 -3.91
CA ALA B 12 -10.69 3.55 -2.52
C ALA B 12 -10.58 2.04 -2.30
N ASN B 13 -11.10 1.25 -3.25
CA ASN B 13 -11.35 -0.17 -3.02
C ASN B 13 -10.75 -1.13 -4.03
N CYS B 14 -10.46 -0.64 -5.23
CA CYS B 14 -10.13 -1.52 -6.36
C CYS B 14 -8.76 -1.28 -6.96
N SER B 15 -8.24 -0.06 -6.80
CA SER B 15 -6.99 0.32 -7.44
C SER B 15 -5.80 -0.53 -7.01
N ALA B 16 -5.82 -1.02 -5.77
CA ALA B 16 -4.72 -1.85 -5.25
C ALA B 16 -4.43 -3.04 -6.17
N CYS B 17 -5.52 -3.63 -6.69
CA CYS B 17 -5.40 -4.80 -7.55
C CYS B 17 -5.64 -4.56 -9.04
N HIS B 18 -6.33 -3.45 -9.37
CA HIS B 18 -6.80 -3.24 -10.74
C HIS B 18 -6.44 -1.87 -11.34
N ALA B 19 -5.44 -1.18 -10.78
CA ALA B 19 -5.03 0.12 -11.33
C ALA B 19 -4.75 -0.05 -12.82
N GLY B 20 -5.25 0.90 -13.62
CA GLY B 20 -5.01 0.86 -15.04
C GLY B 20 -5.83 -0.18 -15.78
N GLY B 21 -6.73 -0.84 -15.04
CA GLY B 21 -7.58 -1.88 -15.64
C GLY B 21 -6.91 -3.24 -15.72
N ASN B 22 -5.74 -3.39 -15.10
CA ASN B 22 -5.04 -4.68 -15.08
C ASN B 22 -5.49 -5.54 -13.90
N ASN B 23 -4.78 -6.64 -13.66
CA ASN B 23 -5.09 -7.50 -12.53
C ASN B 23 -3.78 -8.04 -11.94
N VAL B 24 -3.45 -7.57 -10.74
CA VAL B 24 -2.17 -7.91 -10.10
C VAL B 24 -2.02 -9.40 -9.75
N ILE B 25 -3.12 -10.03 -9.34
CA ILE B 25 -3.07 -11.42 -8.86
C ILE B 25 -3.31 -12.44 -9.97
N MET B 26 -4.23 -12.13 -10.89
CA MET B 26 -4.55 -12.98 -12.05
C MET B 26 -4.45 -12.14 -13.32
N PRO B 27 -3.23 -11.93 -13.82
CA PRO B 27 -2.96 -10.98 -14.90
C PRO B 27 -3.88 -11.10 -16.12
N GLU B 28 -4.34 -12.31 -16.46
CA GLU B 28 -5.20 -12.47 -17.64
C GLU B 28 -6.61 -11.93 -17.44
N LYS B 29 -7.04 -11.83 -16.18
CA LYS B 29 -8.40 -11.41 -15.89
C LYS B 29 -8.50 -9.90 -15.71
N THR B 30 -8.22 -9.18 -16.80
CA THR B 30 -8.20 -7.71 -16.81
C THR B 30 -9.60 -7.14 -16.84
N LEU B 31 -9.68 -5.82 -16.73
CA LEU B 31 -10.95 -5.10 -16.83
C LEU B 31 -11.13 -4.53 -18.24
N GLN B 32 -10.41 -5.09 -19.20
CA GLN B 32 -10.59 -4.71 -20.61
C GLN B 32 -11.74 -5.52 -21.21
N LYS B 33 -12.37 -4.98 -22.25
CA LYS B 33 -13.54 -5.59 -22.86
C LYS B 33 -13.38 -7.06 -23.26
N ASP B 34 -12.27 -7.39 -23.93
CA ASP B 34 -12.07 -8.76 -24.39
C ASP B 34 -12.02 -9.76 -23.23
N ALA B 35 -11.30 -9.42 -22.16
CA ALA B 35 -11.20 -10.31 -21.03
C ALA B 35 -12.53 -10.40 -20.27
N LEU B 36 -13.22 -9.28 -20.12
CA LEU B 36 -14.51 -9.28 -19.43
C LEU B 36 -15.47 -10.19 -20.22
N SER B 37 -15.46 -10.03 -21.54
CA SER B 37 -16.34 -10.86 -22.39
C SER B 37 -16.06 -12.35 -22.30
N THR B 38 -14.79 -12.76 -22.38
CA THR B 38 -14.50 -14.19 -22.34
C THR B 38 -14.86 -14.78 -20.99
N ASN B 39 -14.85 -13.96 -19.94
CA ASN B 39 -15.19 -14.44 -18.62
C ASN B 39 -16.65 -14.22 -18.21
N GLN B 40 -17.49 -13.88 -19.18
CA GLN B 40 -18.92 -13.60 -18.90
C GLN B 40 -19.10 -12.51 -17.82
N MET B 41 -18.21 -11.51 -17.88
CA MET B 41 -18.22 -10.40 -16.94
C MET B 41 -18.55 -9.05 -17.57
N ASN B 42 -18.86 -9.04 -18.88
CA ASN B 42 -19.12 -7.80 -19.56
C ASN B 42 -20.57 -7.31 -19.40
N SER B 43 -20.98 -7.08 -18.16
CA SER B 43 -22.33 -6.57 -17.86
C SER B 43 -22.39 -5.99 -16.46
N VAL B 44 -23.31 -5.06 -16.24
CA VAL B 44 -23.52 -4.48 -14.90
C VAL B 44 -23.85 -5.58 -13.89
N GLY B 45 -24.75 -6.48 -14.27
CA GLY B 45 -25.14 -7.53 -13.36
C GLY B 45 -24.00 -8.43 -12.92
N ALA B 46 -23.15 -8.83 -13.87
CA ALA B 46 -22.06 -9.73 -13.50
C ALA B 46 -21.03 -9.01 -12.61
N ILE B 47 -20.74 -7.75 -12.95
CA ILE B 47 -19.76 -6.99 -12.17
C ILE B 47 -20.29 -6.70 -10.77
N THR B 48 -21.54 -6.24 -10.68
CA THR B 48 -22.12 -5.94 -9.35
C THR B 48 -22.14 -7.20 -8.49
N TYR B 49 -22.47 -8.35 -9.07
CA TYR B 49 -22.51 -9.60 -8.32
C TYR B 49 -21.13 -10.00 -7.78
N GLN B 50 -20.11 -9.87 -8.62
CA GLN B 50 -18.74 -10.24 -8.24
C GLN B 50 -18.18 -9.29 -7.18
N VAL B 51 -18.46 -8.00 -7.32
CA VAL B 51 -18.02 -7.01 -6.30
C VAL B 51 -18.71 -7.31 -4.97
N THR B 52 -20.01 -7.60 -5.04
CA THR B 52 -20.78 -7.86 -3.83
C THR B 52 -20.31 -9.12 -3.09
N ASN B 53 -20.09 -10.19 -3.85
CA ASN B 53 -19.89 -11.52 -3.28
C ASN B 53 -18.47 -12.06 -3.33
N GLY B 54 -17.60 -11.40 -4.09
CA GLY B 54 -16.24 -11.90 -4.28
C GLY B 54 -16.21 -13.04 -5.29
N LYS B 55 -15.01 -13.47 -5.66
CA LYS B 55 -14.85 -14.59 -6.58
C LYS B 55 -13.42 -15.06 -6.54
N ASN B 56 -13.24 -16.33 -6.20
CA ASN B 56 -11.91 -16.91 -6.07
C ASN B 56 -11.04 -16.00 -5.19
N ALA B 57 -9.89 -15.54 -5.68
CA ALA B 57 -9.01 -14.70 -4.87
C ALA B 57 -9.44 -13.23 -4.76
N MET B 58 -10.52 -12.83 -5.44
CA MET B 58 -11.04 -11.49 -5.24
C MET B 58 -11.97 -11.46 -4.02
N PRO B 59 -11.67 -10.61 -3.03
CA PRO B 59 -12.55 -10.50 -1.87
C PRO B 59 -13.93 -9.88 -2.16
N ALA B 60 -14.84 -10.05 -1.20
CA ALA B 60 -16.20 -9.50 -1.32
C ALA B 60 -16.27 -8.11 -0.71
N PHE B 61 -17.14 -7.28 -1.28
CA PHE B 61 -17.27 -5.87 -0.86
C PHE B 61 -18.66 -5.55 -0.36
N GLY B 62 -19.55 -6.52 -0.37
CA GLY B 62 -20.95 -6.28 0.02
C GLY B 62 -21.11 -5.71 1.43
N GLY B 63 -20.19 -6.05 2.33
CA GLY B 63 -20.21 -5.53 3.70
C GLY B 63 -19.61 -4.14 3.85
N ARG B 64 -18.78 -3.77 2.89
CA ARG B 64 -17.99 -2.52 2.89
C ARG B 64 -18.67 -1.38 2.16
N LEU B 65 -19.41 -1.73 1.11
CA LEU B 65 -19.94 -0.77 0.14
C LEU B 65 -21.44 -0.89 0.07
N SER B 66 -22.11 0.23 -0.18
CA SER B 66 -23.58 0.21 -0.32
C SER B 66 -23.94 -0.35 -1.69
N ASP B 67 -25.20 -0.78 -1.85
CA ASP B 67 -25.63 -1.24 -3.18
C ASP B 67 -25.48 -0.15 -4.24
N ASP B 68 -25.76 1.09 -3.88
CA ASP B 68 -25.52 2.20 -4.80
C ASP B 68 -24.04 2.38 -5.14
N ASP B 69 -23.15 2.28 -4.15
CA ASP B 69 -21.70 2.33 -4.40
C ASP B 69 -21.26 1.27 -5.41
N ILE B 70 -21.80 0.07 -5.26
CA ILE B 70 -21.45 -1.06 -6.11
C ILE B 70 -21.99 -0.88 -7.54
N GLU B 71 -23.22 -0.42 -7.69
CA GLU B 71 -23.74 -0.06 -9.01
C GLU B 71 -22.87 1.02 -9.68
N ASP B 72 -22.47 2.03 -8.91
CA ASP B 72 -21.65 3.13 -9.43
C ASP B 72 -20.26 2.64 -9.89
N VAL B 73 -19.62 1.81 -9.09
CA VAL B 73 -18.29 1.30 -9.47
C VAL B 73 -18.38 0.36 -10.68
N ALA B 74 -19.45 -0.43 -10.76
CA ALA B 74 -19.63 -1.29 -11.93
C ALA B 74 -19.79 -0.46 -13.21
N SER B 75 -20.55 0.62 -13.10
CA SER B 75 -20.75 1.52 -14.24
C SER B 75 -19.44 2.20 -14.64
N PHE B 76 -18.63 2.55 -13.65
CA PHE B 76 -17.28 3.09 -13.91
C PHE B 76 -16.40 2.09 -14.66
N VAL B 77 -16.34 0.86 -14.18
CA VAL B 77 -15.56 -0.18 -14.85
C VAL B 77 -15.99 -0.30 -16.32
N LEU B 78 -17.29 -0.34 -16.57
CA LEU B 78 -17.74 -0.50 -17.95
C LEU B 78 -17.42 0.73 -18.82
N SER B 79 -17.56 1.92 -18.24
CA SER B 79 -17.17 3.16 -18.90
C SER B 79 -15.68 3.14 -19.27
N GLN B 80 -14.83 2.73 -18.34
CA GLN B 80 -13.39 2.69 -18.61
C GLN B 80 -13.04 1.65 -19.66
N SER B 81 -13.72 0.50 -19.60
CA SER B 81 -13.45 -0.59 -20.54
C SER B 81 -13.73 -0.13 -21.97
N GLU B 82 -14.77 0.68 -22.15
CA GLU B 82 -15.10 1.25 -23.46
C GLU B 82 -13.99 2.14 -23.99
N LYS B 83 -13.26 2.79 -23.09
CA LYS B 83 -12.14 3.68 -23.43
C LYS B 83 -10.77 2.97 -23.35
N SER B 84 -10.78 1.65 -23.21
CA SER B 84 -9.56 0.84 -23.00
C SER B 84 -8.68 1.34 -21.85
N TRP B 85 -9.31 1.97 -20.86
CA TRP B 85 -8.63 2.45 -19.64
C TRP B 85 -7.59 3.55 -19.92
N ASN B 86 -7.73 4.19 -21.07
CA ASN B 86 -6.85 5.30 -21.43
C ASN B 86 -7.23 6.59 -20.71
N ALA C 1 -7.08 -29.27 1.57
CA ALA C 1 -7.03 -27.80 1.33
C ALA C 1 -6.39 -27.48 -0.01
N ASP C 2 -6.76 -26.33 -0.56
CA ASP C 2 -6.14 -25.82 -1.77
C ASP C 2 -5.07 -24.82 -1.35
N ILE C 3 -3.84 -25.31 -1.19
CA ILE C 3 -2.72 -24.47 -0.72
C ILE C 3 -2.42 -23.33 -1.69
N ASN C 4 -2.52 -23.63 -2.99
CA ASN C 4 -2.26 -22.62 -4.01
C ASN C 4 -3.25 -21.45 -3.91
N HIS C 5 -4.53 -21.77 -3.71
CA HIS C 5 -5.53 -20.73 -3.55
C HIS C 5 -5.31 -20.00 -2.22
N GLY C 6 -4.91 -20.74 -1.19
CA GLY C 6 -4.59 -20.15 0.11
C GLY C 6 -3.50 -19.10 -0.04
N GLU C 7 -2.50 -19.40 -0.85
CA GLU C 7 -1.40 -18.49 -1.13
C GLU C 7 -1.92 -17.19 -1.72
N ASN C 8 -2.82 -17.29 -2.69
CA ASN C 8 -3.38 -16.10 -3.32
C ASN C 8 -4.26 -15.28 -2.38
N VAL C 9 -5.03 -15.97 -1.54
CA VAL C 9 -5.82 -15.30 -0.51
C VAL C 9 -4.89 -14.53 0.44
N PHE C 10 -3.77 -15.16 0.77
CA PHE C 10 -2.75 -14.50 1.63
C PHE C 10 -2.19 -13.23 0.98
N THR C 11 -1.80 -13.34 -0.28
CA THR C 11 -1.33 -12.15 -1.02
C THR C 11 -2.36 -11.03 -0.98
N ALA C 12 -3.62 -11.37 -1.22
CA ALA C 12 -4.68 -10.39 -1.34
C ALA C 12 -5.08 -9.73 -0.03
N ASN C 13 -4.95 -10.45 1.08
CA ASN C 13 -5.58 -10.05 2.33
C ASN C 13 -4.65 -9.94 3.54
N CYS C 14 -3.53 -10.64 3.50
CA CYS C 14 -2.71 -10.83 4.70
C CYS C 14 -1.30 -10.28 4.57
N SER C 15 -0.79 -10.20 3.35
CA SER C 15 0.60 -9.78 3.13
C SER C 15 0.91 -8.37 3.65
N ALA C 16 -0.08 -7.49 3.68
CA ALA C 16 0.16 -6.12 4.11
C ALA C 16 0.70 -6.09 5.53
N CYS C 17 0.26 -7.04 6.36
CA CYS C 17 0.72 -7.11 7.76
C CYS C 17 1.62 -8.30 8.08
N HIS C 18 1.57 -9.33 7.24
CA HIS C 18 2.23 -10.60 7.58
C HIS C 18 3.23 -11.08 6.51
N ALA C 19 3.62 -10.22 5.56
CA ALA C 19 4.63 -10.59 4.55
C ALA C 19 5.86 -11.27 5.20
N GLY C 20 6.27 -12.39 4.62
CA GLY C 20 7.45 -13.12 5.14
C GLY C 20 7.18 -13.86 6.44
N GLY C 21 5.93 -13.89 6.87
CA GLY C 21 5.52 -14.56 8.11
C GLY C 21 5.75 -13.73 9.36
N ASN C 22 6.06 -12.46 9.16
CA ASN C 22 6.26 -11.54 10.27
C ASN C 22 4.94 -10.88 10.68
N ASN C 23 5.02 -9.86 11.53
CA ASN C 23 3.85 -9.12 11.97
C ASN C 23 4.20 -7.66 12.14
N VAL C 24 3.65 -6.81 11.27
CA VAL C 24 4.02 -5.40 11.21
C VAL C 24 3.61 -4.62 12.45
N ILE C 25 2.43 -4.93 12.98
CA ILE C 25 1.81 -4.16 14.08
C ILE C 25 2.17 -4.72 15.46
N MET C 26 2.27 -6.05 15.55
CA MET C 26 2.67 -6.73 16.79
C MET C 26 3.81 -7.70 16.49
N PRO C 27 5.05 -7.19 16.37
CA PRO C 27 6.20 -7.95 15.88
C PRO C 27 6.43 -9.35 16.48
N GLU C 28 6.07 -9.55 17.75
CA GLU C 28 6.34 -10.85 18.40
C GLU C 28 5.35 -11.93 17.94
N LYS C 29 4.19 -11.49 17.48
CA LYS C 29 3.11 -12.39 17.09
C LYS C 29 3.25 -12.80 15.61
N THR C 30 4.34 -13.50 15.31
CA THR C 30 4.66 -13.91 13.95
C THR C 30 3.85 -15.15 13.52
N LEU C 31 4.04 -15.54 12.27
CA LEU C 31 3.41 -16.76 11.75
C LEU C 31 4.41 -17.90 11.70
N GLN C 32 5.47 -17.79 12.50
CA GLN C 32 6.47 -18.86 12.63
C GLN C 32 5.96 -19.90 13.63
N LYS C 33 6.44 -21.14 13.50
CA LYS C 33 5.93 -22.25 14.33
C LYS C 33 6.07 -21.97 15.83
N ASP C 34 7.20 -21.38 16.22
CA ASP C 34 7.44 -21.12 17.65
C ASP C 34 6.41 -20.16 18.24
N ALA C 35 6.15 -19.04 17.57
CA ALA C 35 5.16 -18.09 18.06
C ALA C 35 3.74 -18.65 17.97
N LEU C 36 3.41 -19.35 16.89
CA LEU C 36 2.10 -19.97 16.76
C LEU C 36 1.84 -20.97 17.91
N SER C 37 2.86 -21.77 18.23
CA SER C 37 2.75 -22.75 19.33
C SER C 37 2.52 -22.05 20.66
N THR C 38 3.44 -21.14 21.01
CA THR C 38 3.35 -20.36 22.24
C THR C 38 1.97 -19.70 22.39
N ASN C 39 1.40 -19.24 21.29
CA ASN C 39 0.11 -18.56 21.33
C ASN C 39 -1.12 -19.46 21.15
N GLN C 40 -0.89 -20.77 21.06
CA GLN C 40 -1.95 -21.77 20.83
C GLN C 40 -2.70 -21.49 19.53
N MET C 41 -1.96 -21.08 18.53
CA MET C 41 -2.51 -20.73 17.23
C MET C 41 -2.04 -21.71 16.15
N ASN C 42 -1.40 -22.79 16.59
CA ASN C 42 -0.81 -23.76 15.67
C ASN C 42 -1.79 -24.87 15.23
N SER C 43 -2.97 -24.45 14.75
CA SER C 43 -3.96 -25.40 14.24
C SER C 43 -4.86 -24.69 13.24
N VAL C 44 -5.48 -25.44 12.35
CA VAL C 44 -6.42 -24.85 11.39
C VAL C 44 -7.59 -24.17 12.09
N GLY C 45 -8.17 -24.86 13.06
CA GLY C 45 -9.28 -24.31 13.84
C GLY C 45 -8.97 -22.96 14.49
N ALA C 46 -7.79 -22.82 15.08
CA ALA C 46 -7.43 -21.58 15.77
C ALA C 46 -7.23 -20.45 14.77
N ILE C 47 -6.56 -20.75 13.66
CA ILE C 47 -6.33 -19.74 12.62
C ILE C 47 -7.64 -19.33 11.94
N THR C 48 -8.51 -20.29 11.61
CA THR C 48 -9.78 -19.93 10.97
C THR C 48 -10.66 -19.09 11.90
N TYR C 49 -10.64 -19.40 13.19
CA TYR C 49 -11.40 -18.60 14.16
C TYR C 49 -10.91 -17.15 14.17
N GLN C 50 -9.60 -16.96 14.25
CA GLN C 50 -9.05 -15.62 14.33
C GLN C 50 -9.22 -14.85 13.01
N VAL C 51 -9.07 -15.53 11.88
CA VAL C 51 -9.26 -14.88 10.59
C VAL C 51 -10.71 -14.44 10.45
N THR C 52 -11.63 -15.33 10.84
CA THR C 52 -13.05 -15.06 10.72
C THR C 52 -13.49 -13.89 11.61
N ASN C 53 -13.01 -13.91 12.85
CA ASN C 53 -13.52 -13.02 13.90
C ASN C 53 -12.62 -11.83 14.26
N GLY C 54 -11.38 -11.85 13.79
CA GLY C 54 -10.40 -10.85 14.22
C GLY C 54 -9.91 -11.09 15.64
N LYS C 55 -8.89 -10.36 16.05
CA LYS C 55 -8.37 -10.45 17.42
C LYS C 55 -7.56 -9.20 17.71
N ASN C 56 -7.96 -8.45 18.74
CA ASN C 56 -7.27 -7.21 19.12
C ASN C 56 -7.11 -6.31 17.88
N ALA C 57 -5.88 -5.95 17.50
CA ALA C 57 -5.67 -5.05 16.34
C ALA C 57 -5.72 -5.75 14.98
N MET C 58 -5.88 -7.06 14.96
CA MET C 58 -6.10 -7.75 13.69
C MET C 58 -7.59 -7.71 13.34
N PRO C 59 -7.94 -7.17 12.16
CA PRO C 59 -9.37 -7.09 11.80
C PRO C 59 -9.98 -8.44 11.43
N ALA C 60 -11.30 -8.47 11.30
CA ALA C 60 -12.05 -9.68 10.97
C ALA C 60 -12.25 -9.80 9.47
N PHE C 61 -12.21 -11.03 8.98
CA PHE C 61 -12.33 -11.32 7.53
C PHE C 61 -13.57 -12.12 7.16
N GLY C 62 -14.36 -12.49 8.15
CA GLY C 62 -15.57 -13.29 7.93
C GLY C 62 -16.56 -12.74 6.90
N GLY C 63 -16.67 -11.43 6.82
CA GLY C 63 -17.57 -10.81 5.84
C GLY C 63 -16.97 -10.75 4.44
N ARG C 64 -15.64 -10.79 4.38
CA ARG C 64 -14.84 -10.50 3.20
C ARG C 64 -14.45 -11.75 2.41
N LEU C 65 -14.25 -12.84 3.15
CA LEU C 65 -13.73 -14.08 2.57
C LEU C 65 -14.72 -15.20 2.81
N SER C 66 -14.78 -16.12 1.87
CA SER C 66 -15.68 -17.27 2.00
C SER C 66 -15.12 -18.23 3.05
N ASP C 67 -15.98 -19.12 3.53
CA ASP C 67 -15.51 -20.18 4.43
C ASP C 67 -14.34 -20.96 3.81
N ASP C 68 -14.45 -21.31 2.53
CA ASP C 68 -13.38 -22.03 1.83
C ASP C 68 -12.10 -21.22 1.71
N ASP C 69 -12.22 -19.92 1.44
CA ASP C 69 -11.05 -19.04 1.38
C ASP C 69 -10.29 -19.07 2.70
N ILE C 70 -11.05 -19.06 3.80
CA ILE C 70 -10.47 -18.98 5.13
C ILE C 70 -9.82 -20.31 5.52
N GLU C 71 -10.44 -21.42 5.15
CA GLU C 71 -9.83 -22.73 5.40
C GLU C 71 -8.52 -22.87 4.65
N ASP C 72 -8.52 -22.40 3.39
CA ASP C 72 -7.35 -22.50 2.51
C ASP C 72 -6.20 -21.62 2.99
N VAL C 73 -6.49 -20.39 3.43
CA VAL C 73 -5.40 -19.53 3.89
C VAL C 73 -4.80 -20.05 5.20
N ALA C 74 -5.63 -20.66 6.05
CA ALA C 74 -5.15 -21.24 7.31
C ALA C 74 -4.18 -22.37 7.03
N SER C 75 -4.53 -23.23 6.07
CA SER C 75 -3.67 -24.32 5.65
C SER C 75 -2.39 -23.81 4.99
N PHE C 76 -2.49 -22.75 4.19
CA PHE C 76 -1.30 -22.13 3.63
C PHE C 76 -0.35 -21.61 4.73
N VAL C 77 -0.91 -20.93 5.73
CA VAL C 77 -0.10 -20.39 6.83
C VAL C 77 0.65 -21.50 7.54
N LEU C 78 -0.05 -22.59 7.85
CA LEU C 78 0.60 -23.71 8.50
C LEU C 78 1.66 -24.39 7.64
N SER C 79 1.37 -24.53 6.34
CA SER C 79 2.35 -25.06 5.40
C SER C 79 3.64 -24.22 5.36
N GLN C 80 3.48 -22.90 5.31
CA GLN C 80 4.61 -21.98 5.29
C GLN C 80 5.38 -22.04 6.60
N SER C 81 4.63 -22.16 7.70
CA SER C 81 5.20 -22.24 9.03
C SER C 81 6.20 -23.41 9.14
N GLU C 82 5.85 -24.52 8.51
CA GLU C 82 6.71 -25.71 8.51
C GLU C 82 7.99 -25.51 7.73
N LYS C 83 7.97 -24.58 6.77
CA LYS C 83 9.15 -24.25 5.95
C LYS C 83 9.89 -22.99 6.44
N SER C 84 9.47 -22.45 7.59
CA SER C 84 10.01 -21.20 8.15
C SER C 84 9.81 -19.99 7.22
N TRP C 85 8.79 -20.07 6.36
CA TRP C 85 8.51 -19.04 5.35
C TRP C 85 9.66 -18.85 4.34
N ASN C 86 10.53 -19.86 4.24
CA ASN C 86 11.59 -19.87 3.24
C ASN C 86 11.10 -20.47 1.92
N ALA D 1 15.73 -5.88 -25.03
CA ALA D 1 16.20 -5.09 -26.21
C ALA D 1 15.80 -3.61 -26.12
N ASP D 2 14.54 -3.36 -25.76
CA ASP D 2 14.02 -1.99 -25.64
C ASP D 2 13.72 -1.70 -24.18
N ILE D 3 14.71 -1.12 -23.48
CA ILE D 3 14.65 -0.87 -22.05
C ILE D 3 13.55 0.13 -21.70
N ASN D 4 13.39 1.16 -22.52
CA ASN D 4 12.37 2.17 -22.28
C ASN D 4 10.98 1.57 -22.34
N HIS D 5 10.76 0.70 -23.34
CA HIS D 5 9.48 0.00 -23.41
C HIS D 5 9.33 -0.97 -22.23
N GLY D 6 10.43 -1.62 -21.86
CA GLY D 6 10.47 -2.52 -20.71
C GLY D 6 10.11 -1.82 -19.42
N GLU D 7 10.52 -0.55 -19.29
CA GLU D 7 10.13 0.27 -18.14
C GLU D 7 8.62 0.45 -18.08
N ASN D 8 8.03 0.73 -19.23
CA ASN D 8 6.58 0.89 -19.31
C ASN D 8 5.82 -0.39 -18.99
N VAL D 9 6.35 -1.53 -19.44
CA VAL D 9 5.75 -2.82 -19.11
C VAL D 9 5.82 -3.05 -17.60
N PHE D 10 6.97 -2.73 -17.00
CA PHE D 10 7.16 -2.86 -15.56
C PHE D 10 6.17 -2.01 -14.77
N THR D 11 6.03 -0.75 -15.17
CA THR D 11 5.09 0.16 -14.50
C THR D 11 3.67 -0.40 -14.49
N ALA D 12 3.24 -0.96 -15.63
CA ALA D 12 1.86 -1.45 -15.77
C ALA D 12 1.58 -2.80 -15.12
N ASN D 13 2.60 -3.64 -14.98
CA ASN D 13 2.40 -5.05 -14.65
C ASN D 13 3.13 -5.54 -13.40
N CYS D 14 4.18 -4.83 -12.97
CA CYS D 14 5.08 -5.33 -11.95
C CYS D 14 5.17 -4.43 -10.72
N SER D 15 4.81 -3.16 -10.89
CA SER D 15 5.12 -2.16 -9.86
C SER D 15 4.27 -2.30 -8.61
N ALA D 16 3.12 -2.97 -8.70
CA ALA D 16 2.30 -3.16 -7.50
C ALA D 16 3.06 -3.95 -6.47
N CYS D 17 3.84 -4.92 -6.91
CA CYS D 17 4.53 -5.80 -5.98
C CYS D 17 6.02 -5.46 -5.85
N HIS D 18 6.59 -4.82 -6.86
CA HIS D 18 8.06 -4.64 -6.96
C HIS D 18 8.48 -3.15 -7.11
N ALA D 19 7.64 -2.22 -6.64
CA ALA D 19 8.02 -0.80 -6.68
C ALA D 19 9.41 -0.60 -6.08
N GLY D 20 10.20 0.25 -6.73
CA GLY D 20 11.56 0.53 -6.25
C GLY D 20 12.52 -0.63 -6.36
N GLY D 21 12.09 -1.71 -7.04
CA GLY D 21 12.91 -2.91 -7.18
C GLY D 21 12.91 -3.79 -5.96
N ASN D 22 11.96 -3.57 -5.05
CA ASN D 22 11.86 -4.39 -3.86
C ASN D 22 10.75 -5.41 -4.02
N ASN D 23 10.16 -5.91 -2.93
CA ASN D 23 9.11 -6.92 -3.02
C ASN D 23 8.23 -6.86 -1.76
N VAL D 24 6.98 -6.43 -1.91
CA VAL D 24 6.11 -6.26 -0.73
C VAL D 24 5.43 -7.57 -0.27
N ILE D 25 5.53 -8.61 -1.11
CA ILE D 25 4.86 -9.87 -0.82
C ILE D 25 5.83 -10.86 -0.16
N MET D 26 7.02 -10.99 -0.75
CA MET D 26 8.09 -11.78 -0.15
C MET D 26 9.33 -10.88 -0.05
N PRO D 27 9.44 -10.11 1.04
CA PRO D 27 10.43 -9.04 1.13
C PRO D 27 11.88 -9.39 0.75
N GLU D 28 12.34 -10.60 1.06
CA GLU D 28 13.72 -11.00 0.73
C GLU D 28 13.97 -11.12 -0.78
N LYS D 29 12.92 -11.43 -1.54
CA LYS D 29 13.05 -11.72 -2.97
C LYS D 29 12.95 -10.45 -3.82
N THR D 30 13.90 -9.54 -3.61
CA THR D 30 13.93 -8.27 -4.30
C THR D 30 14.50 -8.40 -5.72
N LEU D 31 14.48 -7.29 -6.46
CA LEU D 31 15.07 -7.21 -7.78
C LEU D 31 16.40 -6.46 -7.68
N GLN D 32 17.00 -6.44 -6.49
CA GLN D 32 18.31 -5.82 -6.34
C GLN D 32 19.41 -6.79 -6.79
N LYS D 33 20.56 -6.22 -7.13
CA LYS D 33 21.70 -6.96 -7.64
C LYS D 33 22.05 -8.20 -6.81
N ASP D 34 22.19 -8.03 -5.48
CA ASP D 34 22.67 -9.15 -4.67
C ASP D 34 21.63 -10.26 -4.46
N ALA D 35 20.36 -9.89 -4.33
CA ALA D 35 19.28 -10.88 -4.28
C ALA D 35 19.12 -11.67 -5.59
N LEU D 36 19.18 -10.98 -6.73
CA LEU D 36 19.10 -11.65 -8.03
C LEU D 36 20.26 -12.66 -8.20
N SER D 37 21.45 -12.22 -7.80
CA SER D 37 22.64 -13.07 -7.83
C SER D 37 22.47 -14.30 -6.94
N THR D 38 22.09 -14.08 -5.69
CA THR D 38 21.90 -15.14 -4.70
C THR D 38 20.89 -16.21 -5.16
N ASN D 39 19.81 -15.76 -5.79
CA ASN D 39 18.74 -16.65 -6.24
C ASN D 39 18.94 -17.16 -7.67
N GLN D 40 20.10 -16.87 -8.25
CA GLN D 40 20.44 -17.26 -9.62
C GLN D 40 19.40 -16.78 -10.63
N MET D 41 18.98 -15.53 -10.45
CA MET D 41 17.95 -14.89 -11.27
C MET D 41 18.52 -13.71 -12.05
N ASN D 42 19.84 -13.54 -11.99
CA ASN D 42 20.46 -12.41 -12.68
C ASN D 42 20.80 -12.72 -14.13
N SER D 43 19.79 -13.09 -14.90
CA SER D 43 19.92 -13.25 -16.35
C SER D 43 18.57 -13.00 -16.99
N VAL D 44 18.60 -12.56 -18.24
CA VAL D 44 17.37 -12.37 -19.01
C VAL D 44 16.59 -13.69 -19.09
N GLY D 45 17.32 -14.79 -19.28
CA GLY D 45 16.71 -16.11 -19.42
C GLY D 45 15.94 -16.54 -18.19
N ALA D 46 16.54 -16.37 -17.02
CA ALA D 46 15.91 -16.76 -15.75
C ALA D 46 14.70 -15.86 -15.43
N ILE D 47 14.84 -14.56 -15.68
CA ILE D 47 13.75 -13.60 -15.44
C ILE D 47 12.58 -13.86 -16.39
N THR D 48 12.87 -14.07 -17.68
CA THR D 48 11.78 -14.30 -18.66
C THR D 48 11.01 -15.56 -18.30
N TYR D 49 11.73 -16.60 -17.85
CA TYR D 49 11.08 -17.84 -17.46
C TYR D 49 10.12 -17.63 -16.31
N GLN D 50 10.56 -16.89 -15.30
CA GLN D 50 9.72 -16.66 -14.12
C GLN D 50 8.55 -15.74 -14.44
N VAL D 51 8.77 -14.72 -15.27
CA VAL D 51 7.68 -13.84 -15.69
C VAL D 51 6.64 -14.65 -16.49
N THR D 52 7.10 -15.47 -17.43
CA THR D 52 6.18 -16.31 -18.22
C THR D 52 5.38 -17.30 -17.39
N ASN D 53 6.05 -18.01 -16.49
CA ASN D 53 5.44 -19.14 -15.79
C ASN D 53 4.99 -18.93 -14.35
N GLY D 54 5.37 -17.78 -13.78
CA GLY D 54 5.06 -17.49 -12.38
C GLY D 54 5.97 -18.28 -11.45
N LYS D 55 5.83 -18.03 -10.14
CA LYS D 55 6.55 -18.78 -9.11
C LYS D 55 5.87 -18.49 -7.79
N ASN D 56 5.21 -19.51 -7.25
CA ASN D 56 4.51 -19.38 -5.95
C ASN D 56 3.55 -18.19 -5.98
N ALA D 57 3.74 -17.21 -5.09
CA ALA D 57 2.81 -16.08 -5.02
C ALA D 57 2.90 -15.15 -6.23
N MET D 58 4.00 -15.23 -6.97
CA MET D 58 4.12 -14.42 -8.18
C MET D 58 3.35 -15.05 -9.34
N PRO D 59 2.41 -14.31 -9.94
CA PRO D 59 1.61 -14.91 -11.01
C PRO D 59 2.37 -15.09 -12.33
N ALA D 60 1.79 -15.92 -13.19
CA ALA D 60 2.26 -16.14 -14.54
C ALA D 60 1.73 -15.06 -15.49
N PHE D 61 2.63 -14.53 -16.32
CA PHE D 61 2.28 -13.46 -17.27
C PHE D 61 2.27 -13.93 -18.72
N GLY D 62 2.59 -15.20 -18.95
CA GLY D 62 2.69 -15.74 -20.32
C GLY D 62 1.44 -15.55 -21.17
N GLY D 63 0.27 -15.54 -20.53
CA GLY D 63 -1.00 -15.32 -21.23
C GLY D 63 -1.41 -13.86 -21.30
N ARG D 64 -0.76 -13.00 -20.53
CA ARG D 64 -1.10 -11.57 -20.48
C ARG D 64 -0.17 -10.69 -21.34
N LEU D 65 1.10 -11.06 -21.37
CA LEU D 65 2.13 -10.27 -22.04
C LEU D 65 2.75 -11.05 -23.19
N SER D 66 3.08 -10.34 -24.27
CA SER D 66 3.72 -10.97 -25.42
C SER D 66 5.14 -11.38 -25.06
N ASP D 67 5.72 -12.27 -25.87
CA ASP D 67 7.09 -12.65 -25.63
C ASP D 67 8.02 -11.43 -25.70
N ASP D 68 7.79 -10.54 -26.65
CA ASP D 68 8.61 -9.33 -26.80
C ASP D 68 8.53 -8.44 -25.56
N ASP D 69 7.32 -8.26 -25.04
CA ASP D 69 7.15 -7.49 -23.80
C ASP D 69 7.84 -8.12 -22.60
N ILE D 70 7.81 -9.44 -22.52
CA ILE D 70 8.47 -10.15 -21.43
C ILE D 70 9.99 -10.02 -21.52
N GLU D 71 10.52 -10.13 -22.74
CA GLU D 71 11.95 -9.89 -22.95
C GLU D 71 12.37 -8.48 -22.57
N ASP D 72 11.55 -7.50 -22.95
CA ASP D 72 11.83 -6.09 -22.67
C ASP D 72 11.78 -5.79 -21.18
N VAL D 73 10.77 -6.30 -20.48
CA VAL D 73 10.72 -6.06 -19.03
C VAL D 73 11.88 -6.75 -18.30
N ALA D 74 12.27 -7.94 -18.78
CA ALA D 74 13.40 -8.65 -18.19
C ALA D 74 14.68 -7.85 -18.34
N SER D 75 14.90 -7.31 -19.54
CA SER D 75 16.04 -6.44 -19.83
C SER D 75 16.06 -5.17 -18.96
N PHE D 76 14.88 -4.57 -18.79
CA PHE D 76 14.74 -3.44 -17.88
C PHE D 76 15.13 -3.79 -16.44
N VAL D 77 14.61 -4.91 -15.93
CA VAL D 77 14.90 -5.32 -14.55
C VAL D 77 16.42 -5.46 -14.32
N LEU D 78 17.09 -6.15 -15.24
CA LEU D 78 18.56 -6.31 -15.15
C LEU D 78 19.31 -4.97 -15.18
N SER D 79 18.91 -4.09 -16.11
CA SER D 79 19.49 -2.75 -16.22
C SER D 79 19.36 -1.97 -14.90
N GLN D 80 18.17 -2.03 -14.31
CA GLN D 80 17.90 -1.31 -13.06
C GLN D 80 18.69 -1.88 -11.89
N SER D 81 18.79 -3.20 -11.82
CA SER D 81 19.53 -3.86 -10.74
C SER D 81 20.99 -3.40 -10.76
N GLU D 82 21.50 -3.16 -11.96
CA GLU D 82 22.87 -2.68 -12.17
C GLU D 82 23.06 -1.22 -11.71
N LYS D 83 21.96 -0.46 -11.66
CA LYS D 83 21.99 0.96 -11.26
C LYS D 83 21.41 1.18 -9.86
N SER D 84 21.23 0.08 -9.11
CA SER D 84 20.63 0.12 -7.77
C SER D 84 19.23 0.72 -7.75
N TRP D 85 18.50 0.60 -8.86
CA TRP D 85 17.14 1.13 -9.00
C TRP D 85 17.05 2.63 -8.74
N ASN D 86 18.13 3.34 -9.06
CA ASN D 86 18.13 4.78 -8.95
C ASN D 86 17.90 5.45 -10.30
N ALA E 1 29.39 -1.98 13.32
CA ALA E 1 28.13 -2.74 13.05
C ALA E 1 28.13 -3.32 11.65
N ASP E 2 27.19 -4.23 11.40
CA ASP E 2 27.07 -4.88 10.10
C ASP E 2 25.93 -4.25 9.30
N ILE E 3 26.29 -3.28 8.46
CA ILE E 3 25.34 -2.50 7.65
C ILE E 3 24.50 -3.39 6.73
N ASN E 4 25.14 -4.39 6.12
CA ASN E 4 24.42 -5.32 5.23
C ASN E 4 23.38 -6.15 5.96
N HIS E 5 23.75 -6.70 7.11
CA HIS E 5 22.78 -7.39 7.94
C HIS E 5 21.68 -6.42 8.40
N GLY E 6 22.05 -5.18 8.70
CA GLY E 6 21.10 -4.12 9.03
C GLY E 6 20.07 -3.93 7.94
N GLU E 7 20.51 -3.93 6.69
CA GLU E 7 19.61 -3.77 5.55
C GLU E 7 18.58 -4.89 5.51
N ASN E 8 19.03 -6.11 5.76
CA ASN E 8 18.13 -7.26 5.77
C ASN E 8 17.12 -7.20 6.92
N VAL E 9 17.57 -6.75 8.09
CA VAL E 9 16.66 -6.57 9.21
C VAL E 9 15.60 -5.52 8.81
N PHE E 10 16.04 -4.44 8.16
CA PHE E 10 15.15 -3.36 7.76
C PHE E 10 14.08 -3.90 6.80
N THR E 11 14.53 -4.65 5.81
CA THR E 11 13.64 -5.22 4.78
C THR E 11 12.54 -6.08 5.42
N ALA E 12 12.94 -6.88 6.41
CA ALA E 12 12.05 -7.83 7.05
C ALA E 12 11.12 -7.19 8.08
N ASN E 13 11.55 -6.10 8.70
CA ASN E 13 10.87 -5.59 9.90
C ASN E 13 10.35 -4.15 9.83
N CYS E 14 10.91 -3.34 8.92
CA CYS E 14 10.69 -1.90 8.90
C CYS E 14 10.11 -1.36 7.59
N SER E 15 10.29 -2.11 6.51
CA SER E 15 9.97 -1.61 5.17
C SER E 15 8.48 -1.41 4.92
N ALA E 16 7.64 -2.13 5.67
CA ALA E 16 6.19 -1.94 5.52
C ALA E 16 5.78 -0.50 5.80
N CYS E 17 6.44 0.14 6.77
CA CYS E 17 6.08 1.49 7.15
C CYS E 17 7.09 2.54 6.67
N HIS E 18 8.32 2.11 6.41
CA HIS E 18 9.43 3.05 6.17
C HIS E 18 10.13 2.82 4.81
N ALA E 19 9.45 2.17 3.85
CA ALA E 19 10.08 2.00 2.52
C ALA E 19 10.61 3.32 1.98
N GLY E 20 11.83 3.28 1.42
CA GLY E 20 12.45 4.46 0.81
C GLY E 20 12.85 5.53 1.81
N GLY E 21 12.78 5.18 3.09
CA GLY E 21 13.15 6.10 4.16
C GLY E 21 12.04 7.05 4.53
N ASN E 22 10.83 6.78 4.05
CA ASN E 22 9.68 7.60 4.36
C ASN E 22 8.95 7.08 5.59
N ASN E 23 7.71 7.53 5.77
CA ASN E 23 6.85 7.02 6.86
C ASN E 23 5.40 7.09 6.42
N VAL E 24 4.79 5.95 6.11
CA VAL E 24 3.41 6.00 5.61
C VAL E 24 2.37 6.17 6.72
N ILE E 25 2.79 6.08 7.98
CA ILE E 25 1.86 6.20 9.11
C ILE E 25 1.85 7.61 9.70
N MET E 26 3.04 8.18 9.88
CA MET E 26 3.17 9.55 10.31
C MET E 26 4.13 10.22 9.33
N PRO E 27 3.58 10.75 8.22
CA PRO E 27 4.40 11.17 7.07
C PRO E 27 5.57 12.12 7.33
N GLU E 28 5.43 13.03 8.31
CA GLU E 28 6.52 13.98 8.60
C GLU E 28 7.72 13.33 9.30
N LYS E 29 7.49 12.19 9.95
CA LYS E 29 8.52 11.51 10.74
C LYS E 29 9.30 10.52 9.89
N THR E 30 10.00 11.03 8.88
CA THR E 30 10.76 10.20 7.95
C THR E 30 12.10 9.77 8.53
N LEU E 31 12.83 8.97 7.76
CA LEU E 31 14.18 8.54 8.14
C LEU E 31 15.23 9.35 7.38
N GLN E 32 14.83 10.55 6.94
CA GLN E 32 15.75 11.48 6.29
C GLN E 32 16.48 12.27 7.36
N LYS E 33 17.69 12.73 7.03
CA LYS E 33 18.57 13.39 8.00
C LYS E 33 17.91 14.55 8.73
N ASP E 34 17.29 15.46 7.98
CA ASP E 34 16.67 16.64 8.60
C ASP E 34 15.54 16.29 9.58
N ALA E 35 14.69 15.32 9.22
CA ALA E 35 13.63 14.88 10.13
C ALA E 35 14.20 14.21 11.38
N LEU E 36 15.17 13.33 11.20
CA LEU E 36 15.76 12.65 12.36
C LEU E 36 16.38 13.68 13.32
N SER E 37 17.11 14.64 12.76
CA SER E 37 17.80 15.63 13.61
C SER E 37 16.80 16.49 14.38
N THR E 38 15.76 16.94 13.68
CA THR E 38 14.68 17.70 14.30
C THR E 38 14.10 16.97 15.52
N ASN E 39 13.97 15.64 15.42
CA ASN E 39 13.34 14.85 16.46
C ASN E 39 14.30 14.19 17.45
N GLN E 40 15.55 14.64 17.47
CA GLN E 40 16.58 14.05 18.34
C GLN E 40 16.69 12.54 18.10
N MET E 41 16.60 12.16 16.83
CA MET E 41 16.69 10.77 16.42
C MET E 41 17.89 10.49 15.52
N ASN E 42 18.74 11.48 15.28
CA ASN E 42 19.88 11.29 14.40
C ASN E 42 21.07 10.74 15.19
N SER E 43 20.88 9.54 15.73
CA SER E 43 21.92 8.86 16.52
C SER E 43 21.57 7.39 16.72
N VAL E 44 22.59 6.54 16.74
CA VAL E 44 22.40 5.11 17.00
C VAL E 44 21.63 4.87 18.30
N GLY E 45 22.01 5.57 19.38
CA GLY E 45 21.33 5.37 20.65
C GLY E 45 19.85 5.68 20.67
N ALA E 46 19.47 6.80 20.04
CA ALA E 46 18.07 7.21 20.02
C ALA E 46 17.28 6.21 19.19
N ILE E 47 17.84 5.80 18.06
CA ILE E 47 17.17 4.84 17.17
C ILE E 47 17.06 3.46 17.83
N THR E 48 18.15 2.98 18.44
CA THR E 48 18.12 1.68 19.12
C THR E 48 17.07 1.66 20.23
N TYR E 49 16.97 2.76 20.98
CA TYR E 49 15.97 2.88 22.04
C TYR E 49 14.53 2.81 21.50
N GLN E 50 14.26 3.54 20.41
CA GLN E 50 12.91 3.56 19.85
C GLN E 50 12.55 2.23 19.20
N VAL E 51 13.51 1.61 18.53
CA VAL E 51 13.30 0.26 17.97
C VAL E 51 13.00 -0.75 19.07
N THR E 52 13.76 -0.70 20.16
CA THR E 52 13.56 -1.62 21.28
C THR E 52 12.21 -1.42 21.93
N ASN E 53 11.89 -0.16 22.23
CA ASN E 53 10.77 0.16 23.09
C ASN E 53 9.50 0.62 22.41
N GLY E 54 9.59 0.94 21.12
CA GLY E 54 8.44 1.47 20.39
C GLY E 54 8.21 2.94 20.69
N LYS E 55 7.27 3.54 19.97
CA LYS E 55 6.87 4.93 20.21
C LYS E 55 5.55 5.17 19.51
N ASN E 56 4.49 5.34 20.29
CA ASN E 56 3.16 5.61 19.74
C ASN E 56 2.74 4.53 18.75
N ALA E 57 2.48 4.90 17.48
CA ALA E 57 2.06 3.88 16.51
C ALA E 57 3.17 2.92 16.10
N MET E 58 4.44 3.27 16.35
CA MET E 58 5.53 2.38 16.02
C MET E 58 5.65 1.30 17.09
N PRO E 59 5.60 0.02 16.70
CA PRO E 59 5.69 -1.02 17.75
C PRO E 59 7.09 -1.19 18.34
N ALA E 60 7.15 -1.87 19.48
CA ALA E 60 8.41 -2.28 20.11
C ALA E 60 8.95 -3.57 19.49
N PHE E 61 10.25 -3.60 19.20
CA PHE E 61 10.88 -4.77 18.61
C PHE E 61 11.82 -5.50 19.58
N GLY E 62 11.87 -5.05 20.83
CA GLY E 62 12.77 -5.61 21.84
C GLY E 62 12.63 -7.12 22.04
N GLY E 63 11.40 -7.61 21.93
CA GLY E 63 11.12 -9.05 22.05
C GLY E 63 11.27 -9.86 20.75
N ARG E 64 11.32 -9.16 19.62
CA ARG E 64 11.37 -9.80 18.29
C ARG E 64 12.77 -9.85 17.71
N LEU E 65 13.56 -8.82 18.02
CA LEU E 65 14.88 -8.67 17.45
C LEU E 65 15.93 -8.69 18.56
N SER E 66 17.09 -9.26 18.24
CA SER E 66 18.21 -9.32 19.18
C SER E 66 18.88 -7.95 19.28
N ASP E 67 19.72 -7.75 20.29
CA ASP E 67 20.42 -6.49 20.45
C ASP E 67 21.31 -6.20 19.26
N ASP E 68 21.97 -7.24 18.73
CA ASP E 68 22.79 -7.12 17.53
C ASP E 68 21.98 -6.73 16.30
N ASP E 69 20.79 -7.33 16.15
CA ASP E 69 19.85 -7.01 15.06
C ASP E 69 19.48 -5.53 15.10
N ILE E 70 19.22 -5.05 16.31
CA ILE E 70 18.78 -3.66 16.54
C ILE E 70 19.92 -2.67 16.30
N GLU E 71 21.10 -2.98 16.83
CA GLU E 71 22.30 -2.20 16.54
C GLU E 71 22.55 -2.11 15.04
N ASP E 72 22.40 -3.23 14.33
CA ASP E 72 22.69 -3.26 12.89
C ASP E 72 21.68 -2.46 12.09
N VAL E 73 20.40 -2.57 12.44
CA VAL E 73 19.36 -1.83 11.70
C VAL E 73 19.46 -0.31 11.92
N ALA E 74 19.77 0.10 13.15
CA ALA E 74 20.00 1.51 13.45
C ALA E 74 21.14 2.05 12.61
N SER E 75 22.22 1.28 12.52
CA SER E 75 23.39 1.73 11.78
C SER E 75 23.07 1.81 10.28
N PHE E 76 22.26 0.88 9.78
CA PHE E 76 21.79 0.94 8.40
C PHE E 76 20.95 2.19 8.12
N VAL E 77 20.02 2.49 9.01
CA VAL E 77 19.16 3.68 8.87
C VAL E 77 20.02 4.95 8.73
N LEU E 78 21.00 5.10 9.63
CA LEU E 78 21.89 6.26 9.59
C LEU E 78 22.75 6.31 8.33
N SER E 79 23.22 5.14 7.89
CA SER E 79 23.98 5.03 6.67
C SER E 79 23.17 5.50 5.46
N GLN E 80 21.91 5.08 5.39
CA GLN E 80 21.01 5.48 4.30
C GLN E 80 20.66 6.95 4.37
N SER E 81 20.44 7.44 5.59
CA SER E 81 20.08 8.82 5.81
C SER E 81 21.16 9.76 5.24
N GLU E 82 22.42 9.39 5.41
CA GLU E 82 23.55 10.14 4.87
C GLU E 82 23.57 10.15 3.33
N LYS E 83 22.99 9.12 2.72
CA LYS E 83 22.95 8.97 1.27
C LYS E 83 21.62 9.46 0.70
N SER E 84 20.78 10.05 1.56
CA SER E 84 19.40 10.42 1.22
C SER E 84 18.58 9.25 0.66
N TRP E 85 18.86 8.05 1.14
CA TRP E 85 18.13 6.85 0.75
C TRP E 85 18.20 6.53 -0.76
N ASN E 86 19.27 6.97 -1.40
CA ASN E 86 19.59 6.51 -2.74
C ASN E 86 20.52 5.29 -2.69
N ALA F 1 9.60 30.42 -6.06
CA ALA F 1 8.88 29.53 -5.10
C ALA F 1 9.83 28.93 -4.07
N ASP F 2 9.25 28.25 -3.07
CA ASP F 2 10.01 27.62 -2.01
C ASP F 2 9.93 26.10 -2.20
N ILE F 3 10.95 25.54 -2.86
CA ILE F 3 11.01 24.11 -3.18
C ILE F 3 11.06 23.23 -1.92
N ASN F 4 11.78 23.66 -0.91
CA ASN F 4 11.89 22.88 0.33
C ASN F 4 10.56 22.81 1.08
N HIS F 5 9.82 23.93 1.11
CA HIS F 5 8.47 23.90 1.65
C HIS F 5 7.54 23.03 0.78
N GLY F 6 7.72 23.12 -0.54
CA GLY F 6 6.97 22.26 -1.48
C GLY F 6 7.17 20.78 -1.19
N GLU F 7 8.38 20.40 -0.82
CA GLU F 7 8.67 19.01 -0.44
C GLU F 7 7.78 18.60 0.75
N ASN F 8 7.64 19.49 1.72
CA ASN F 8 6.80 19.19 2.88
C ASN F 8 5.32 19.09 2.52
N VAL F 9 4.87 19.97 1.62
CA VAL F 9 3.48 19.90 1.12
C VAL F 9 3.27 18.56 0.44
N PHE F 10 4.22 18.18 -0.42
CA PHE F 10 4.15 16.91 -1.14
C PHE F 10 4.06 15.72 -0.18
N THR F 11 4.94 15.68 0.81
CA THR F 11 4.92 14.61 1.82
C THR F 11 3.54 14.47 2.49
N ALA F 12 2.97 15.60 2.88
CA ALA F 12 1.71 15.64 3.61
C ALA F 12 0.46 15.39 2.76
N ASN F 13 0.51 15.74 1.47
CA ASN F 13 -0.70 15.75 0.65
C ASN F 13 -0.72 14.87 -0.61
N CYS F 14 0.46 14.44 -1.05
CA CYS F 14 0.58 13.83 -2.38
C CYS F 14 1.25 12.46 -2.37
N SER F 15 1.99 12.14 -1.32
CA SER F 15 2.84 10.97 -1.28
C SER F 15 2.05 9.65 -1.20
N ALA F 16 0.81 9.68 -0.71
CA ALA F 16 -0.04 8.47 -0.72
C ALA F 16 -0.18 7.89 -2.13
N CYS F 17 -0.31 8.76 -3.13
CA CYS F 17 -0.52 8.33 -4.52
C CYS F 17 0.71 8.43 -5.40
N HIS F 18 1.64 9.33 -5.03
CA HIS F 18 2.76 9.68 -5.91
C HIS F 18 4.13 9.50 -5.24
N ALA F 19 4.22 8.65 -4.22
CA ALA F 19 5.53 8.33 -3.62
C ALA F 19 6.54 7.98 -4.73
N GLY F 20 7.74 8.54 -4.64
CA GLY F 20 8.81 8.24 -5.61
C GLY F 20 8.60 8.86 -6.98
N GLY F 21 7.58 9.69 -7.10
CA GLY F 21 7.27 10.32 -8.39
C GLY F 21 6.48 9.40 -9.30
N ASN F 22 5.95 8.33 -8.72
CA ASN F 22 5.14 7.37 -9.47
C ASN F 22 3.65 7.74 -9.38
N ASN F 23 2.77 6.78 -9.68
CA ASN F 23 1.33 6.98 -9.58
C ASN F 23 0.68 5.62 -9.36
N VAL F 24 0.24 5.36 -8.13
CA VAL F 24 -0.34 4.03 -7.82
C VAL F 24 -1.79 3.88 -8.29
N ILE F 25 -2.42 4.98 -8.70
CA ILE F 25 -3.83 4.95 -9.12
C ILE F 25 -3.96 4.83 -10.64
N MET F 26 -3.18 5.64 -11.37
CA MET F 26 -3.09 5.56 -12.81
C MET F 26 -1.61 5.45 -13.16
N PRO F 27 -1.08 4.21 -13.15
CA PRO F 27 0.38 4.00 -13.23
C PRO F 27 1.16 4.71 -14.34
N GLU F 28 0.56 4.90 -15.51
CA GLU F 28 1.27 5.56 -16.63
C GLU F 28 1.47 7.05 -16.38
N LYS F 29 0.62 7.64 -15.54
CA LYS F 29 0.62 9.10 -15.36
C LYS F 29 1.53 9.50 -14.20
N THR F 30 2.82 9.24 -14.38
CA THR F 30 3.80 9.48 -13.34
C THR F 30 4.22 10.95 -13.29
N LEU F 31 5.07 11.28 -12.34
CA LEU F 31 5.59 12.63 -12.21
C LEU F 31 7.00 12.70 -12.80
N GLN F 32 7.34 11.72 -13.63
CA GLN F 32 8.63 11.74 -14.35
C GLN F 32 8.51 12.67 -15.57
N LYS F 33 9.65 13.22 -16.00
CA LYS F 33 9.66 14.23 -17.06
C LYS F 33 8.96 13.77 -18.34
N ASP F 34 9.22 12.53 -18.77
CA ASP F 34 8.61 12.01 -20.01
C ASP F 34 7.08 12.00 -19.97
N ALA F 35 6.53 11.48 -18.87
CA ALA F 35 5.11 11.41 -18.67
C ALA F 35 4.49 12.80 -18.54
N LEU F 36 5.14 13.69 -17.79
CA LEU F 36 4.61 15.05 -17.65
C LEU F 36 4.51 15.71 -19.04
N SER F 37 5.58 15.60 -19.83
CA SER F 37 5.58 16.23 -21.17
C SER F 37 4.49 15.66 -22.07
N THR F 38 4.37 14.34 -22.12
CA THR F 38 3.32 13.69 -22.91
C THR F 38 1.91 14.19 -22.56
N ASN F 39 1.70 14.48 -21.28
CA ASN F 39 0.38 14.86 -20.81
C ASN F 39 0.16 16.38 -20.69
N GLN F 40 1.06 17.18 -21.28
CA GLN F 40 0.97 18.66 -21.19
C GLN F 40 0.96 19.14 -19.74
N MET F 41 1.74 18.45 -18.91
CA MET F 41 1.82 18.75 -17.49
C MET F 41 3.20 19.21 -17.09
N ASN F 42 4.10 19.36 -18.06
CA ASN F 42 5.45 19.80 -17.74
C ASN F 42 5.55 21.32 -17.68
N SER F 43 4.82 21.91 -16.72
CA SER F 43 4.81 23.35 -16.52
C SER F 43 4.19 23.67 -15.19
N VAL F 44 4.67 24.74 -14.57
CA VAL F 44 4.10 25.20 -13.31
C VAL F 44 2.61 25.45 -13.44
N GLY F 45 2.20 26.16 -14.48
CA GLY F 45 0.79 26.49 -14.65
C GLY F 45 -0.13 25.29 -14.76
N ALA F 46 0.32 24.28 -15.51
CA ALA F 46 -0.48 23.08 -15.72
C ALA F 46 -0.62 22.32 -14.41
N ILE F 47 0.48 22.24 -13.67
CA ILE F 47 0.48 21.49 -12.39
C ILE F 47 -0.34 22.24 -11.33
N THR F 48 -0.12 23.54 -11.21
CA THR F 48 -0.93 24.30 -10.24
C THR F 48 -2.42 24.19 -10.53
N TYR F 49 -2.80 24.24 -11.80
CA TYR F 49 -4.20 24.15 -12.17
C TYR F 49 -4.78 22.78 -11.78
N GLN F 50 -4.05 21.71 -12.05
CA GLN F 50 -4.54 20.36 -11.75
C GLN F 50 -4.57 20.10 -10.24
N VAL F 51 -3.58 20.60 -9.51
CA VAL F 51 -3.60 20.47 -8.04
C VAL F 51 -4.81 21.23 -7.48
N THR F 52 -5.03 22.44 -7.99
CA THR F 52 -6.15 23.26 -7.53
C THR F 52 -7.52 22.62 -7.77
N ASN F 53 -7.73 22.14 -8.99
CA ASN F 53 -9.06 21.79 -9.48
C ASN F 53 -9.33 20.30 -9.61
N GLY F 54 -8.27 19.50 -9.47
CA GLY F 54 -8.37 18.06 -9.61
C GLY F 54 -8.52 17.60 -11.04
N LYS F 55 -8.43 16.29 -11.25
CA LYS F 55 -8.62 15.70 -12.57
C LYS F 55 -8.94 14.23 -12.42
N ASN F 56 -10.18 13.87 -12.77
CA ASN F 56 -10.62 12.47 -12.70
C ASN F 56 -10.38 11.90 -11.30
N ALA F 57 -9.59 10.84 -11.18
CA ALA F 57 -9.35 10.24 -9.86
C ALA F 57 -8.50 11.10 -8.95
N MET F 58 -7.78 12.08 -9.50
CA MET F 58 -7.01 12.96 -8.64
C MET F 58 -7.92 14.03 -8.04
N PRO F 59 -7.94 14.14 -6.70
CA PRO F 59 -8.84 15.14 -6.12
C PRO F 59 -8.37 16.59 -6.27
N ALA F 60 -9.29 17.52 -6.03
CA ALA F 60 -8.99 18.95 -6.00
C ALA F 60 -8.48 19.35 -4.63
N PHE F 61 -7.40 20.14 -4.61
CA PHE F 61 -6.79 20.63 -3.36
C PHE F 61 -7.00 22.13 -3.10
N GLY F 62 -7.68 22.80 -4.01
CA GLY F 62 -7.92 24.25 -3.91
C GLY F 62 -8.56 24.67 -2.59
N GLY F 63 -9.38 23.80 -2.00
CA GLY F 63 -10.00 24.09 -0.71
C GLY F 63 -9.20 23.65 0.52
N ARG F 64 -8.16 22.85 0.29
CA ARG F 64 -7.28 22.33 1.35
C ARG F 64 -5.95 23.10 1.50
N LEU F 65 -5.42 23.56 0.36
CA LEU F 65 -4.09 24.17 0.32
C LEU F 65 -4.17 25.59 -0.17
N SER F 66 -3.30 26.45 0.36
CA SER F 66 -3.22 27.84 -0.08
C SER F 66 -2.63 27.93 -1.48
N ASP F 67 -2.86 29.04 -2.16
CA ASP F 67 -2.22 29.25 -3.47
C ASP F 67 -0.70 29.12 -3.40
N ASP F 68 -0.10 29.70 -2.34
CA ASP F 68 1.34 29.60 -2.12
C ASP F 68 1.81 28.15 -1.93
N ASP F 69 1.05 27.36 -1.16
CA ASP F 69 1.41 25.97 -0.97
C ASP F 69 1.36 25.17 -2.27
N ILE F 70 0.39 25.51 -3.13
CA ILE F 70 0.19 24.85 -4.43
C ILE F 70 1.31 25.26 -5.40
N GLU F 71 1.68 26.53 -5.40
CA GLU F 71 2.82 26.96 -6.21
C GLU F 71 4.10 26.26 -5.75
N ASP F 72 4.29 26.15 -4.44
CA ASP F 72 5.49 25.51 -3.88
C ASP F 72 5.58 24.00 -4.22
N VAL F 73 4.48 23.29 -4.06
CA VAL F 73 4.47 21.87 -4.43
C VAL F 73 4.67 21.65 -5.94
N ALA F 74 4.12 22.54 -6.77
CA ALA F 74 4.32 22.42 -8.21
C ALA F 74 5.81 22.57 -8.56
N SER F 75 6.45 23.54 -7.93
CA SER F 75 7.88 23.76 -8.12
C SER F 75 8.72 22.57 -7.64
N PHE F 76 8.31 21.97 -6.53
CA PHE F 76 8.99 20.79 -6.04
C PHE F 76 8.87 19.63 -7.04
N VAL F 77 7.67 19.39 -7.55
CA VAL F 77 7.45 18.32 -8.53
C VAL F 77 8.37 18.51 -9.75
N LEU F 78 8.44 19.74 -10.27
CA LEU F 78 9.28 19.98 -11.45
C LEU F 78 10.76 19.82 -11.12
N SER F 79 11.17 20.28 -9.95
CA SER F 79 12.56 20.11 -9.52
C SER F 79 12.94 18.64 -9.46
N GLN F 80 12.06 17.84 -8.85
CA GLN F 80 12.30 16.41 -8.72
C GLN F 80 12.33 15.69 -10.06
N SER F 81 11.45 16.11 -10.98
CA SER F 81 11.35 15.43 -12.27
C SER F 81 12.64 15.65 -13.06
N GLU F 82 13.26 16.82 -12.88
CA GLU F 82 14.55 17.10 -13.52
C GLU F 82 15.65 16.18 -12.99
N LYS F 83 15.53 15.78 -11.73
CA LYS F 83 16.48 14.87 -11.07
C LYS F 83 16.05 13.40 -11.11
N SER F 84 15.04 13.08 -11.92
CA SER F 84 14.45 11.73 -11.99
C SER F 84 14.03 11.16 -10.62
N TRP F 85 13.65 12.05 -9.70
CA TRP F 85 13.18 11.67 -8.37
C TRP F 85 14.21 10.98 -7.47
N ASN F 86 15.47 11.34 -7.65
CA ASN F 86 16.53 10.98 -6.73
C ASN F 86 16.91 12.14 -5.80
FE HEC G . -12.39 8.19 6.63
CHA HEC G . -14.16 11.06 6.21
CHB HEC G . -12.51 8.61 10.00
CHC HEC G . -11.07 5.05 7.04
CHD HEC G . -11.85 7.97 3.27
NA HEC G . -13.19 9.58 7.87
C1A HEC G . -13.84 10.73 7.51
C2A HEC G . -14.18 11.51 8.70
C3A HEC G . -13.71 10.79 9.73
C4A HEC G . -13.10 9.58 9.24
CMA HEC G . -13.79 11.13 11.24
CAA HEC G . -14.91 12.87 8.67
CBA HEC G . -13.90 13.97 8.29
CGA HEC G . -14.53 15.32 8.06
O1A HEC G . -15.75 15.41 7.77
O2A HEC G . -13.79 16.33 8.13
NB HEC G . -11.91 7.04 8.22
C1B HEC G . -12.00 7.41 9.54
C2B HEC G . -11.46 6.34 10.36
C3B HEC G . -11.06 5.34 9.56
C4B HEC G . -11.33 5.76 8.19
CMB HEC G . -11.38 6.38 11.91
CAB HEC G . -10.43 3.98 10.01
CBB HEC G . -11.35 3.11 10.56
NC HEC G . -11.66 6.76 5.36
C1C HEC G . -11.06 5.59 5.78
C2C HEC G . -10.35 5.02 4.63
C3C HEC G . -10.54 5.84 3.57
C4C HEC G . -11.39 6.93 4.02
CMC HEC G . -9.51 3.72 4.69
CAC HEC G . -9.90 5.66 2.16
CBC HEC G . -10.26 4.60 1.39
ND HEC G . -12.90 9.33 5.02
C1D HEC G . -12.66 8.99 3.68
C2D HEC G . -13.43 9.87 2.83
C3D HEC G . -14.15 10.82 3.75
C4D HEC G . -13.75 10.42 5.08
CMD HEC G . -13.51 9.87 1.28
CAD HEC G . -15.11 11.94 3.33
CBD HEC G . -16.52 11.32 3.17
CGD HEC G . -17.47 12.42 2.73
O1D HEC G . -17.96 13.21 3.59
O2D HEC G . -17.74 12.53 1.51
S SO4 H . -16.51 -6.58 5.66
O1 SO4 H . -17.45 -5.48 5.67
O2 SO4 H . -17.09 -7.60 4.81
O3 SO4 H . -15.20 -6.16 5.22
O4 SO4 H . -16.41 -7.10 7.01
FE HEC I . -11.34 -7.62 -8.80
CHA HEC I . -11.63 -10.09 -11.12
CHB HEC I . -13.71 -5.77 -10.44
CHC HEC I . -11.39 -5.39 -6.22
CHD HEC I . -8.61 -9.18 -7.42
NA HEC I . -12.46 -7.88 -10.46
C1A HEC I . -12.38 -8.98 -11.33
C2A HEC I . -13.27 -8.74 -12.44
C3A HEC I . -13.85 -7.54 -12.24
C4A HEC I . -13.36 -6.99 -10.99
CMA HEC I . -14.87 -6.81 -13.14
CAA HEC I . -13.48 -9.68 -13.67
CBA HEC I . -12.34 -9.43 -14.69
CGA HEC I . -12.22 -10.52 -15.75
O1A HEC I . -12.85 -11.59 -15.61
O2A HEC I . -11.46 -10.34 -16.75
NB HEC I . -12.37 -5.91 -8.39
C1B HEC I . -13.28 -5.28 -9.22
C2B HEC I . -13.75 -4.07 -8.59
C3B HEC I . -13.11 -3.95 -7.42
C4B HEC I . -12.23 -5.11 -7.27
CMB HEC I . -14.77 -3.08 -9.21
CAB HEC I . -13.30 -2.78 -6.40
CBB HEC I . -14.50 -2.84 -5.73
NC HEC I . -10.23 -7.37 -7.12
C1C HEC I . -10.36 -6.31 -6.24
C2C HEC I . -9.20 -6.32 -5.37
C3C HEC I . -8.41 -7.35 -5.68
C4C HEC I . -9.07 -8.04 -6.79
CMC HEC I . -8.98 -5.24 -4.27
CAC HEC I . -7.03 -7.69 -5.03
CBC HEC I . -6.95 -8.05 -3.72
ND HEC I . -10.29 -9.35 -9.22
C1D HEC I . -9.23 -9.85 -8.45
C2D HEC I . -8.94 -11.20 -8.86
C3D HEC I . -9.90 -11.48 -10.00
C4D HEC I . -10.67 -10.28 -10.17
CMD HEC I . -7.90 -12.17 -8.29
CAD HEC I . -10.01 -12.78 -10.83
CBD HEC I . -10.97 -13.68 -10.05
CGD HEC I . -11.06 -15.02 -10.74
O1D HEC I . -11.92 -15.15 -11.65
O2D HEC I . -10.29 -15.91 -10.38
FE HEC J . -3.03 -11.40 11.39
CHA HEC J . -2.18 -12.32 14.53
CHB HEC J . -3.13 -14.70 10.41
CHC HEC J . -4.49 -10.49 8.38
CHD HEC J . -2.46 -8.10 12.09
NA HEC J . -2.75 -13.19 12.29
C1A HEC J . -2.32 -13.32 13.60
C2A HEC J . -2.07 -14.72 13.85
C3A HEC J . -2.34 -15.40 12.72
C4A HEC J . -2.76 -14.43 11.71
CMA HEC J . -2.21 -16.93 12.50
CAA HEC J . -1.56 -15.29 15.21
CBA HEC J . -0.02 -15.15 15.23
CGA HEC J . 0.62 -15.50 16.56
O1A HEC J . -0.11 -15.60 17.57
O2A HEC J . 1.88 -15.67 16.63
NB HEC J . -3.69 -12.40 9.69
C1B HEC J . -3.60 -13.78 9.50
C2B HEC J . -4.10 -14.06 8.18
C3B HEC J . -4.50 -12.91 7.59
C4B HEC J . -4.24 -11.83 8.56
CMB HEC J . -4.17 -15.49 7.56
CAB HEC J . -5.11 -12.77 6.17
CBB HEC J . -6.40 -13.18 6.09
NC HEC J . -3.45 -9.62 10.46
C1C HEC J . -3.95 -9.49 9.17
C2C HEC J . -3.78 -8.10 8.78
C3C HEC J . -3.21 -7.43 9.77
C4C HEC J . -3.01 -8.36 10.86
CMC HEC J . -4.19 -7.54 7.40
CAC HEC J . -2.81 -5.91 9.73
CBC HEC J . -3.77 -4.96 9.78
ND HEC J . -2.40 -10.38 13.03
C1D HEC J . -2.32 -9.00 13.12
C2D HEC J . -2.09 -8.63 14.49
C3D HEC J . -1.99 -9.93 15.28
C4D HEC J . -2.19 -10.97 14.29
CMD HEC J . -1.96 -7.20 15.04
CAD HEC J . -1.76 -10.07 16.80
CBD HEC J . -3.14 -10.02 17.46
CGD HEC J . -2.96 -10.13 18.96
O1D HEC J . -2.81 -11.27 19.46
O2D HEC J . -2.98 -9.06 19.63
FE HEC K . 7.77 -10.80 -9.20
CHA HEC K . 10.00 -12.77 -7.54
CHB HEC K . 10.08 -10.11 -11.59
CHC HEC K . 5.32 -9.33 -11.09
CHD HEC K . 5.56 -11.04 -6.56
NA HEC K . 9.68 -11.34 -9.52
C1A HEC K . 10.43 -12.12 -8.68
C2A HEC K . 11.79 -12.19 -9.20
C3A HEC K . 11.82 -11.46 -10.33
C4A HEC K . 10.49 -10.91 -10.56
CMA HEC K . 13.03 -11.22 -11.26
CAA HEC K . 12.95 -12.96 -8.53
CBA HEC K . 13.47 -12.07 -7.38
CGA HEC K . 14.62 -12.67 -6.60
O1A HEC K . 14.92 -13.87 -6.81
O2A HEC K . 15.23 -11.95 -5.75
NB HEC K . 7.70 -9.90 -11.01
C1B HEC K . 8.79 -9.67 -11.84
C2B HEC K . 8.35 -8.89 -12.98
C3B HEC K . 7.03 -8.67 -12.85
C4B HEC K . 6.60 -9.31 -11.62
CMB HEC K . 9.26 -8.42 -14.13
CAB HEC K . 6.14 -7.88 -13.84
CBB HEC K . 5.91 -8.50 -15.04
NC HEC K . 5.81 -10.34 -8.89
C1C HEC K . 5.02 -9.64 -9.77
C2C HEC K . 3.79 -9.27 -9.10
C3C HEC K . 3.84 -9.73 -7.85
C4C HEC K . 5.12 -10.40 -7.69
CMC HEC K . 2.63 -8.47 -9.75
CAC HEC K . 2.75 -9.47 -6.77
CBC HEC K . 1.57 -10.14 -6.82
ND HEC K . 7.80 -11.73 -7.34
C1D HEC K . 6.72 -11.77 -6.46
C2D HEC K . 6.96 -12.77 -5.44
C3D HEC K . 8.34 -13.31 -5.73
C4D HEC K . 8.78 -12.61 -6.91
CMD HEC K . 6.03 -13.16 -4.28
CAD HEC K . 9.07 -14.41 -4.93
CBD HEC K . 8.53 -15.74 -5.46
CGD HEC K . 9.17 -16.86 -4.71
O1D HEC K . 10.42 -17.05 -4.87
O2D HEC K . 8.44 -17.57 -3.95
S SO4 L . 3.92 -14.83 -27.86
O1 SO4 L . 4.80 -15.28 -28.94
O2 SO4 L . 2.55 -15.20 -28.20
O3 SO4 L . 4.30 -15.50 -26.62
O4 SO4 L . 3.99 -13.37 -27.77
FE HEC M . 9.44 3.41 12.72
CHA HEC M . 9.38 6.64 13.76
CHB HEC M . 12.84 3.44 12.64
CHC HEC M . 9.45 0.06 12.28
CHD HEC M . 6.03 3.48 12.16
NA HEC M . 10.86 4.80 13.13
C1A HEC M . 10.62 6.10 13.51
C2A HEC M . 11.91 6.77 13.61
C3A HEC M . 12.87 5.87 13.31
C4A HEC M . 12.22 4.61 13.01
CMA HEC M . 14.39 6.10 13.27
CAA HEC M . 12.08 8.27 13.98
CBA HEC M . 11.82 9.07 12.69
CGA HEC M . 11.79 10.58 12.91
O1A HEC M . 11.69 11.03 14.07
O2A HEC M . 11.80 11.38 11.91
NB HEC M . 10.87 2.01 12.50
C1B HEC M . 12.24 2.22 12.45
C2B HEC M . 12.92 0.96 12.23
C3B HEC M . 11.98 0.01 12.13
C4B HEC M . 10.69 0.65 12.29
CMB HEC M . 14.46 0.83 12.12
CAB HEC M . 12.26 -1.51 11.88
CBB HEC M . 12.71 -2.19 12.96
NC HEC M . 8.01 2.04 12.36
C1C HEC M . 8.26 0.70 12.12
C2C HEC M . 7.05 0.10 11.60
C3C HEC M . 6.09 1.03 11.56
C4C HEC M . 6.68 2.27 12.05
CMC HEC M . 6.92 -1.39 11.21
CAC HEC M . 4.61 0.84 11.05
CBC HEC M . 3.78 0.04 11.77
ND HEC M . 7.95 4.82 12.92
C1D HEC M . 6.58 4.61 12.73
C2D HEC M . 5.84 5.74 13.22
C3D HEC M . 6.89 6.71 13.74
C4D HEC M . 8.16 6.07 13.49
CMD HEC M . 4.32 5.95 13.25
CAD HEC M . 6.58 8.07 14.39
CBD HEC M . 6.39 7.74 15.88
CGD HEC M . 6.05 9.00 16.65
O1D HEC M . 6.95 9.86 16.81
O2D HEC M . 4.88 9.17 17.07
S SO4 N . 2.55 13.80 10.81
O1 SO4 N . 1.77 15.01 11.12
O2 SO4 N . 1.75 12.63 11.17
O3 SO4 N . 2.88 13.70 9.39
O4 SO4 N . 3.80 13.85 11.59
FE HEC O . -1.85 13.54 -8.61
CHA HEC O . -1.95 13.14 -12.00
CHB HEC O . 0.49 16.00 -8.94
CHC HEC O . -2.24 14.33 -5.31
CHD HEC O . -3.72 10.71 -8.15
NA HEC O . -0.92 14.40 -10.18
C1A HEC O . -1.05 14.04 -11.50
C2A HEC O . -0.11 14.82 -12.26
C3A HEC O . 0.55 15.62 -11.42
C4A HEC O . 0.05 15.37 -10.08
CMA HEC O . 1.67 16.65 -11.73
CAA HEC O . 0.05 14.70 -13.79
CBA HEC O . 0.92 13.46 -14.08
CGA HEC O . 1.03 13.07 -15.53
O1A HEC O . 0.20 13.55 -16.35
O2A HEC O . 1.95 12.27 -15.91
NB HEC O . -1.04 14.90 -7.36
C1B HEC O . -0.06 15.82 -7.69
C2B HEC O . 0.29 16.56 -6.50
C3B HEC O . -0.46 16.12 -5.48
C4B HEC O . -1.31 15.06 -6.01
CMB HEC O . 1.36 17.69 -6.47
CAB HEC O . -0.42 16.65 -4.00
CBB HEC O . -0.99 17.87 -3.84
NC HEC O . -2.86 12.71 -7.04
C1C HEC O . -2.79 13.14 -5.74
C2C HEC O . -3.36 12.12 -4.89
C3C HEC O . -3.77 11.11 -5.67
C4C HEC O . -3.47 11.47 -7.03
CMC HEC O . -3.45 12.21 -3.34
CAC HEC O . -4.40 9.76 -5.16
CBC HEC O . -5.70 9.81 -4.76
ND HEC O . -2.66 12.16 -9.85
C1D HEC O . -3.49 11.12 -9.44
C2D HEC O . -4.11 10.52 -10.58
C3D HEC O . -3.58 11.28 -11.78
C4D HEC O . -2.69 12.27 -11.24
CMD HEC O . -5.11 9.35 -10.59
CAD HEC O . -3.96 11.01 -13.24
CBD HEC O . -5.24 11.82 -13.47
CGD HEC O . -5.77 11.63 -14.88
O1D HEC O . -5.19 12.21 -15.83
O2D HEC O . -6.79 10.93 -15.05
S SO4 P . -2.94 4.15 -16.86
O1 SO4 P . -2.52 5.51 -17.21
O2 SO4 P . -3.46 3.48 -18.08
O3 SO4 P . -1.81 3.42 -16.28
O4 SO4 P . -4.02 4.18 -15.87
#